data_4A6W
#
_entry.id   4A6W
#
_cell.length_a   39.350
_cell.length_b   62.910
_cell.length_c   52.600
_cell.angle_alpha   90.00
_cell.angle_beta   109.40
_cell.angle_gamma   90.00
#
_symmetry.space_group_name_H-M   'P 1 21 1'
#
loop_
_entity.id
_entity.type
_entity.pdbx_description
1 polymer 'METHIONINE AMINOPEPTIDASE'
2 non-polymer 'MANGANESE (II) ION'
3 non-polymer 5-(2-chlorophenyl)-N-hydroxy-1,3-oxazole-2-carboxamide
4 water water
#
_entity_poly.entity_id   1
_entity_poly.type   'polypeptide(L)'
_entity_poly.pdbx_seq_one_letter_code
;MAISIKTPEDIEKMRVAGRLAAEVLEMIEPYVKPGVSTGELDRICNDYIVNEQHAVSACLGYHGYPKSVCISINEVVCHG
IPDDAKLLKDGDIVNIDVTVIKDGFHGDTSKMFIVGKPTIMGERLCRITQESLYLALRMVKPGINLREIGAAIQKFVEAE
GFSVVREYCGHGIGQGFHEEPQVLHYDSRETNVVLKPGMTFTIEPMVNAGKKEIRTMKDGWTVKTKDRSLSAQYEHTIVV
TDNGCEILTLRKDDTIPAIISHDE
;
_entity_poly.pdbx_strand_id   A
#
# COMPACT_ATOMS: atom_id res chain seq x y z
N ALA A 2 23.28 1.66 3.63
CA ALA A 2 22.93 1.34 5.04
C ALA A 2 21.44 1.18 5.23
N ILE A 3 20.97 -0.06 5.24
CA ILE A 3 19.63 -0.26 5.74
C ILE A 3 19.62 -0.17 7.27
N SER A 4 18.80 0.72 7.82
CA SER A 4 18.70 0.81 9.27
C SER A 4 18.05 -0.41 9.89
N ILE A 5 18.50 -0.76 11.09
CA ILE A 5 17.90 -1.86 11.88
C ILE A 5 17.22 -1.26 13.08
N LYS A 6 15.89 -1.46 13.20
CA LYS A 6 15.15 -0.84 14.26
C LYS A 6 15.41 -1.53 15.56
N THR A 7 15.50 -0.72 16.64
CA THR A 7 15.53 -1.26 17.98
C THR A 7 14.19 -1.80 18.42
N PRO A 8 14.11 -2.54 19.53
CA PRO A 8 12.82 -2.99 20.02
C PRO A 8 11.85 -1.84 20.31
N GLU A 9 12.38 -0.75 20.86
CA GLU A 9 11.65 0.46 21.15
C GLU A 9 11.15 1.07 19.85
N ASP A 10 12.03 1.13 18.83
CA ASP A 10 11.64 1.70 17.51
C ASP A 10 10.50 0.83 16.97
N ILE A 11 10.58 -0.49 17.13
CA ILE A 11 9.60 -1.38 16.51
C ILE A 11 8.23 -1.22 17.20
N GLU A 12 8.20 -1.03 18.52
CA GLU A 12 6.97 -0.80 19.24
C GLU A 12 6.34 0.51 18.74
N LYS A 13 7.18 1.52 18.42
CA LYS A 13 6.65 2.79 17.93
C LYS A 13 6.04 2.56 16.56
N MET A 14 6.64 1.62 15.80
CA MET A 14 6.13 1.34 14.48
C MET A 14 4.84 0.46 14.56
N ARG A 15 4.70 -0.36 15.60
CA ARG A 15 3.41 -1.00 15.84
C ARG A 15 2.29 -0.02 16.08
N VAL A 16 2.59 0.99 16.91
CA VAL A 16 1.61 2.05 17.19
C VAL A 16 1.19 2.77 15.91
N ALA A 17 2.19 3.21 15.16
CA ALA A 17 1.90 3.99 13.94
C ALA A 17 1.23 3.17 12.86
N GLY A 18 1.62 1.91 12.80
CA GLY A 18 1.03 1.01 11.80
C GLY A 18 -0.42 0.71 12.17
N ARG A 19 -0.69 0.53 13.45
CA ARG A 19 -2.05 0.33 13.94
C ARG A 19 -2.95 1.54 13.59
N LEU A 20 -2.47 2.77 13.85
CA LEU A 20 -3.25 3.94 13.48
C LEU A 20 -3.54 3.99 11.98
N ALA A 21 -2.54 3.68 11.13
CA ALA A 21 -2.80 3.74 9.69
C ALA A 21 -3.88 2.69 9.30
N ALA A 22 -3.82 1.48 9.84
CA ALA A 22 -4.83 0.45 9.58
C ALA A 22 -6.21 0.90 10.04
N GLU A 23 -6.23 1.59 11.19
CA GLU A 23 -7.47 1.98 11.78
C GLU A 23 -8.13 3.09 11.02
N VAL A 24 -7.33 3.90 10.29
CA VAL A 24 -7.99 4.86 9.41
C VAL A 24 -8.81 4.09 8.35
N LEU A 25 -8.18 3.03 7.80
CA LEU A 25 -8.87 2.23 6.77
C LEU A 25 -10.11 1.51 7.31
N GLU A 26 -10.01 0.99 8.56
CA GLU A 26 -11.21 0.40 9.20
C GLU A 26 -12.30 1.45 9.42
N MET A 27 -11.91 2.62 9.88
CA MET A 27 -12.84 3.74 10.14
C MET A 27 -13.59 4.15 8.88
N ILE A 28 -12.87 4.26 7.74
CA ILE A 28 -13.48 4.89 6.57
C ILE A 28 -14.41 3.98 5.83
N GLU A 29 -14.35 2.68 6.10
CA GLU A 29 -15.11 1.70 5.37
C GLU A 29 -16.60 2.05 5.20
N PRO A 30 -17.34 2.36 6.29
CA PRO A 30 -18.78 2.53 6.10
C PRO A 30 -19.15 3.79 5.32
N TYR A 31 -18.17 4.65 5.03
CA TYR A 31 -18.45 5.84 4.28
C TYR A 31 -18.24 5.59 2.82
N VAL A 32 -17.62 4.50 2.46
CA VAL A 32 -17.22 4.24 1.04
C VAL A 32 -18.41 3.67 0.31
N LYS A 33 -19.27 4.54 -0.24
CA LYS A 33 -20.62 4.14 -0.70
C LYS A 33 -20.87 4.89 -1.99
N PRO A 34 -21.76 4.36 -2.85
CA PRO A 34 -22.12 5.12 -4.04
C PRO A 34 -22.59 6.54 -3.67
N GLY A 35 -22.12 7.54 -4.41
CA GLY A 35 -22.49 8.92 -4.20
C GLY A 35 -21.60 9.76 -3.31
N VAL A 36 -20.71 9.15 -2.53
CA VAL A 36 -19.81 9.95 -1.68
C VAL A 36 -18.73 10.59 -2.54
N SER A 37 -18.26 11.79 -2.17
CA SER A 37 -17.12 12.34 -2.92
C SER A 37 -15.81 11.87 -2.33
N THR A 38 -14.76 11.83 -3.16
CA THR A 38 -13.45 11.51 -2.62
C THR A 38 -12.94 12.68 -1.70
N GLY A 39 -13.37 13.91 -2.00
CA GLY A 39 -13.10 15.06 -1.16
C GLY A 39 -13.59 14.84 0.30
N GLU A 40 -14.81 14.36 0.43
CA GLU A 40 -15.41 14.11 1.73
C GLU A 40 -14.66 12.99 2.43
N LEU A 41 -14.32 11.93 1.67
CA LEU A 41 -13.54 10.82 2.31
C LEU A 41 -12.21 11.34 2.88
N ASP A 42 -11.51 12.18 2.12
CA ASP A 42 -10.25 12.74 2.61
C ASP A 42 -10.46 13.64 3.86
N ARG A 43 -11.56 14.38 3.91
CA ARG A 43 -11.78 15.20 5.10
C ARG A 43 -12.03 14.30 6.29
N ILE A 44 -12.82 13.25 6.12
CA ILE A 44 -13.13 12.33 7.24
C ILE A 44 -11.80 11.69 7.77
N CYS A 45 -10.96 11.22 6.85
CA CYS A 45 -9.66 10.75 7.21
C CYS A 45 -8.77 11.74 7.94
N ASN A 46 -8.61 12.95 7.40
CA ASN A 46 -7.70 13.88 8.02
C ASN A 46 -8.26 14.32 9.42
N ASP A 47 -9.57 14.57 9.51
CA ASP A 47 -10.16 14.90 10.83
C ASP A 47 -9.90 13.76 11.84
N TYR A 48 -10.01 12.50 11.41
CA TYR A 48 -9.78 11.37 12.28
C TYR A 48 -8.31 11.26 12.72
N ILE A 49 -7.38 11.43 11.77
CA ILE A 49 -5.93 11.36 12.04
C ILE A 49 -5.56 12.46 13.07
N VAL A 50 -5.97 13.69 12.85
CA VAL A 50 -5.52 14.81 13.62
C VAL A 50 -6.30 14.83 14.96
N ASN A 51 -7.64 14.78 14.89
CA ASN A 51 -8.45 15.03 16.10
C ASN A 51 -8.63 13.84 17.00
N GLU A 52 -8.62 12.65 16.44
CA GLU A 52 -8.80 11.47 17.26
C GLU A 52 -7.53 10.70 17.51
N GLN A 53 -6.73 10.49 16.48
CA GLN A 53 -5.48 9.75 16.67
C GLN A 53 -4.37 10.62 17.22
N HIS A 54 -4.55 11.94 17.17
CA HIS A 54 -3.44 12.86 17.52
C HIS A 54 -2.14 12.54 16.80
N ALA A 55 -2.30 12.23 15.50
CA ALA A 55 -1.18 11.97 14.61
C ALA A 55 -1.21 12.97 13.45
N VAL A 56 -0.31 12.79 12.48
CA VAL A 56 -0.25 13.66 11.29
C VAL A 56 -0.19 12.76 10.07
N SER A 57 -0.84 13.19 9.01
CA SER A 57 -0.68 12.55 7.70
C SER A 57 0.68 12.91 7.11
N ALA A 58 1.46 11.89 6.70
CA ALA A 58 2.70 12.08 5.95
C ALA A 58 2.51 12.52 4.49
N CYS A 59 1.28 12.38 4.01
CA CYS A 59 1.00 12.71 2.62
C CYS A 59 0.79 14.21 2.46
N LEU A 60 0.23 14.82 3.50
CA LEU A 60 -0.17 16.22 3.40
C LEU A 60 1.04 17.15 3.29
N GLY A 61 1.15 17.89 2.19
CA GLY A 61 2.32 18.74 1.92
C GLY A 61 3.56 18.04 1.36
N TYR A 62 3.52 16.70 1.29
CA TYR A 62 4.61 15.91 0.75
C TYR A 62 4.88 16.29 -0.71
N HIS A 63 6.02 16.95 -0.97
CA HIS A 63 6.33 17.46 -2.32
C HIS A 63 5.25 18.41 -2.80
N GLY A 64 4.57 19.03 -1.82
CA GLY A 64 3.45 19.91 -2.09
C GLY A 64 2.10 19.27 -2.32
N TYR A 65 2.00 17.97 -2.09
CA TYR A 65 0.69 17.30 -2.27
C TYR A 65 -0.41 17.95 -1.39
N PRO A 66 -1.59 18.25 -1.95
CA PRO A 66 -2.47 19.14 -1.16
C PRO A 66 -3.47 18.43 -0.23
N LYS A 67 -3.52 17.10 -0.26
CA LYS A 67 -4.56 16.35 0.50
C LYS A 67 -3.89 15.40 1.49
N SER A 68 -4.69 14.69 2.28
CA SER A 68 -4.15 13.95 3.39
C SER A 68 -4.03 12.45 3.11
N VAL A 69 -4.87 11.93 2.21
CA VAL A 69 -4.72 10.55 1.69
C VAL A 69 -4.71 10.60 0.18
N CYS A 70 -4.32 9.50 -0.43
CA CYS A 70 -4.48 9.39 -1.90
C CYS A 70 -5.60 8.37 -2.15
N ILE A 71 -6.47 8.73 -3.08
CA ILE A 71 -7.66 7.97 -3.41
C ILE A 71 -7.65 7.72 -4.92
N SER A 72 -7.57 6.44 -5.32
CA SER A 72 -7.27 6.11 -6.74
C SER A 72 -8.30 5.20 -7.27
N ILE A 73 -9.14 5.73 -8.15
CA ILE A 73 -10.31 4.99 -8.63
C ILE A 73 -10.02 4.36 -9.99
N ASN A 74 -10.39 3.08 -10.14
CA ASN A 74 -10.39 2.43 -11.48
C ASN A 74 -9.05 2.48 -12.19
N GLU A 75 -8.96 3.13 -13.35
CA GLU A 75 -7.72 3.20 -14.09
C GLU A 75 -6.63 4.12 -13.46
N VAL A 76 -6.99 4.86 -12.40
CA VAL A 76 -5.98 5.60 -11.68
C VAL A 76 -5.17 4.60 -10.89
N VAL A 77 -3.86 4.58 -11.14
CA VAL A 77 -2.90 3.65 -10.57
C VAL A 77 -2.49 4.07 -9.18
N CYS A 78 -2.24 5.36 -8.97
CA CYS A 78 -1.82 5.86 -7.66
C CYS A 78 -1.86 7.35 -7.67
N HIS A 79 -1.85 7.89 -6.46
CA HIS A 79 -1.75 9.33 -6.14
C HIS A 79 -2.99 10.10 -6.60
N GLY A 80 -4.12 9.42 -6.77
CA GLY A 80 -5.35 10.12 -7.04
C GLY A 80 -5.62 11.21 -5.99
N ILE A 81 -6.02 12.38 -6.46
CA ILE A 81 -6.24 13.51 -5.56
C ILE A 81 -7.70 13.62 -5.15
N PRO A 82 -7.99 13.54 -3.82
CA PRO A 82 -9.36 13.70 -3.35
C PRO A 82 -9.94 15.00 -3.90
N ASP A 83 -11.23 14.91 -4.28
CA ASP A 83 -11.90 15.96 -5.03
C ASP A 83 -13.37 15.97 -4.67
N ASP A 84 -13.86 17.11 -4.22
CA ASP A 84 -15.26 17.25 -3.86
C ASP A 84 -16.24 16.96 -4.99
N ALA A 85 -15.79 17.19 -6.22
CA ALA A 85 -16.60 16.88 -7.38
C ALA A 85 -16.54 15.42 -7.84
N LYS A 86 -15.63 14.60 -7.28
CA LYS A 86 -15.50 13.22 -7.81
C LYS A 86 -16.31 12.26 -6.93
N LEU A 87 -17.41 11.71 -7.45
CA LEU A 87 -18.30 10.83 -6.72
C LEU A 87 -18.05 9.36 -7.07
N LEU A 88 -18.00 8.55 -6.05
CA LEU A 88 -17.93 7.11 -6.25
C LEU A 88 -19.26 6.57 -6.79
N LYS A 89 -19.21 5.47 -7.51
CA LYS A 89 -20.39 4.91 -8.11
C LYS A 89 -20.24 3.44 -8.17
N ASP A 90 -21.38 2.78 -8.32
CA ASP A 90 -21.44 1.36 -8.43
C ASP A 90 -20.43 0.73 -9.39
N GLY A 91 -19.73 -0.27 -8.87
CA GLY A 91 -18.71 -1.04 -9.61
C GLY A 91 -17.31 -0.48 -9.54
N ASP A 92 -17.15 0.71 -9.01
CA ASP A 92 -15.84 1.27 -8.89
C ASP A 92 -14.92 0.44 -7.99
N ILE A 93 -13.63 0.35 -8.35
CA ILE A 93 -12.62 -0.15 -7.44
C ILE A 93 -11.82 1.05 -7.00
N VAL A 94 -11.54 1.12 -5.70
CA VAL A 94 -11.00 2.38 -5.15
C VAL A 94 -9.86 2.05 -4.18
N ASN A 95 -8.66 2.54 -4.40
CA ASN A 95 -7.58 2.45 -3.43
C ASN A 95 -7.59 3.64 -2.53
N ILE A 96 -7.55 3.41 -1.22
CA ILE A 96 -7.28 4.55 -0.27
C ILE A 96 -5.94 4.21 0.38
N ASP A 97 -4.98 5.12 0.24
CA ASP A 97 -3.64 4.92 0.73
C ASP A 97 -3.34 5.95 1.84
N VAL A 98 -2.94 5.44 2.98
CA VAL A 98 -2.82 6.24 4.18
C VAL A 98 -1.42 6.11 4.72
N THR A 99 -0.82 7.22 5.08
CA THR A 99 0.43 7.10 5.83
C THR A 99 0.37 8.07 7.03
N VAL A 100 0.47 7.54 8.23
CA VAL A 100 0.43 8.41 9.44
C VAL A 100 1.81 8.47 10.10
N ILE A 101 2.12 9.61 10.72
CA ILE A 101 3.31 9.75 11.58
C ILE A 101 2.81 9.92 13.00
N LYS A 102 3.39 9.13 13.91
CA LYS A 102 3.00 9.16 15.34
C LYS A 102 4.26 8.89 16.11
N ASP A 103 4.58 9.78 17.04
CA ASP A 103 5.80 9.61 17.90
C ASP A 103 7.04 9.54 17.02
N GLY A 104 7.04 10.20 15.86
CA GLY A 104 8.24 10.21 15.07
C GLY A 104 8.29 9.10 14.01
N PHE A 105 7.42 8.08 14.10
CA PHE A 105 7.49 6.93 13.19
C PHE A 105 6.30 6.83 12.26
N HIS A 106 6.59 6.30 11.07
CA HIS A 106 5.55 6.19 10.01
C HIS A 106 4.85 4.80 9.94
N GLY A 107 3.55 4.78 9.66
CA GLY A 107 2.81 3.59 9.31
C GLY A 107 2.21 3.82 7.95
N ASP A 108 2.36 2.87 7.00
CA ASP A 108 1.94 3.14 5.63
C ASP A 108 1.15 1.92 5.12
N THR A 109 -0.07 2.15 4.64
CA THR A 109 -0.86 1.00 4.22
C THR A 109 -1.94 1.49 3.28
N SER A 110 -2.41 0.59 2.47
CA SER A 110 -3.55 0.91 1.59
C SER A 110 -4.35 -0.35 1.29
N LYS A 111 -5.61 -0.21 0.86
CA LYS A 111 -6.38 -1.36 0.39
C LYS A 111 -7.36 -0.89 -0.68
N MET A 112 -7.93 -1.88 -1.40
CA MET A 112 -9.02 -1.62 -2.26
C MET A 112 -10.34 -1.76 -1.59
N PHE A 113 -11.24 -0.91 -2.02
CA PHE A 113 -12.68 -1.00 -1.71
C PHE A 113 -13.42 -1.18 -3.02
N ILE A 114 -14.39 -2.08 -3.06
CA ILE A 114 -15.29 -2.13 -4.22
C ILE A 114 -16.59 -1.47 -3.80
N VAL A 115 -17.06 -0.54 -4.61
CA VAL A 115 -18.21 0.28 -4.28
C VAL A 115 -19.48 -0.31 -4.86
N GLY A 116 -20.46 -0.54 -3.99
CA GLY A 116 -21.74 -1.05 -4.45
C GLY A 116 -21.59 -2.38 -5.12
N LYS A 117 -22.28 -2.50 -6.23
CA LYS A 117 -22.33 -3.77 -6.95
C LYS A 117 -20.98 -4.07 -7.68
N PRO A 118 -20.25 -5.12 -7.29
CA PRO A 118 -18.93 -5.38 -7.90
C PRO A 118 -19.06 -5.75 -9.38
N THR A 119 -18.03 -5.43 -10.15
CA THR A 119 -17.86 -6.11 -11.41
C THR A 119 -16.95 -7.28 -11.23
N ILE A 120 -17.19 -8.32 -12.03
CA ILE A 120 -16.37 -9.51 -11.86
C ILE A 120 -14.87 -9.31 -12.11
N MET A 121 -14.56 -8.51 -13.14
CA MET A 121 -13.19 -8.22 -13.41
C MET A 121 -12.52 -7.35 -12.32
N GLY A 122 -13.25 -6.39 -11.78
CA GLY A 122 -12.76 -5.52 -10.70
C GLY A 122 -12.45 -6.38 -9.45
N GLU A 123 -13.35 -7.28 -9.14
CA GLU A 123 -13.20 -8.17 -8.04
C GLU A 123 -11.98 -9.08 -8.24
N ARG A 124 -11.81 -9.65 -9.44
CA ARG A 124 -10.67 -10.48 -9.71
C ARG A 124 -9.32 -9.76 -9.62
N LEU A 125 -9.28 -8.59 -10.23
CA LEU A 125 -8.06 -7.79 -10.18
C LEU A 125 -7.64 -7.51 -8.71
N CYS A 126 -8.63 -7.11 -7.90
CA CYS A 126 -8.35 -6.78 -6.50
C CYS A 126 -7.89 -8.04 -5.78
N ARG A 127 -8.55 -9.17 -6.08
CA ARG A 127 -8.27 -10.38 -5.29
C ARG A 127 -6.83 -10.80 -5.62
N ILE A 128 -6.52 -10.88 -6.93
CA ILE A 128 -5.21 -11.32 -7.31
C ILE A 128 -4.08 -10.33 -6.81
N THR A 129 -4.40 -9.02 -6.77
CA THR A 129 -3.44 -8.02 -6.20
C THR A 129 -3.18 -8.29 -4.68
N GLN A 130 -4.27 -8.63 -3.93
CA GLN A 130 -4.05 -8.91 -2.49
C GLN A 130 -3.28 -10.20 -2.33
N GLU A 131 -3.65 -11.21 -3.14
CA GLU A 131 -2.99 -12.49 -3.09
C GLU A 131 -1.51 -12.32 -3.45
N SER A 132 -1.15 -11.37 -4.35
CA SER A 132 0.28 -11.21 -4.65
C SER A 132 1.02 -10.58 -3.44
N LEU A 133 0.33 -9.67 -2.73
CA LEU A 133 0.91 -9.13 -1.52
C LEU A 133 1.08 -10.25 -0.49
N TYR A 134 0.04 -11.07 -0.31
CA TYR A 134 0.10 -12.13 0.72
C TYR A 134 1.15 -13.20 0.42
N LEU A 135 1.32 -13.60 -0.86
CA LEU A 135 2.39 -14.48 -1.25
C LEU A 135 3.75 -13.89 -0.88
N ALA A 136 3.92 -12.59 -1.08
CA ALA A 136 5.19 -11.98 -0.77
C ALA A 136 5.43 -11.96 0.78
N LEU A 137 4.39 -11.65 1.55
CA LEU A 137 4.53 -11.56 3.00
C LEU A 137 4.92 -12.96 3.55
N ARG A 138 4.38 -14.02 2.94
CA ARG A 138 4.66 -15.38 3.41
C ARG A 138 6.13 -15.77 3.16
N MET A 139 6.83 -15.06 2.26
CA MET A 139 8.24 -15.30 1.97
C MET A 139 9.22 -14.58 2.91
N VAL A 140 8.76 -13.54 3.59
CA VAL A 140 9.72 -12.63 4.30
C VAL A 140 10.27 -13.33 5.55
N LYS A 141 11.60 -13.52 5.55
CA LYS A 141 12.30 -14.01 6.73
C LYS A 141 13.76 -13.63 6.58
N PRO A 142 14.52 -13.72 7.70
CA PRO A 142 15.92 -13.52 7.61
C PRO A 142 16.59 -14.41 6.59
N GLY A 143 17.49 -13.80 5.82
CA GLY A 143 18.30 -14.56 4.85
C GLY A 143 17.75 -14.70 3.46
N ILE A 144 16.43 -14.44 3.29
CA ILE A 144 15.87 -14.40 1.96
C ILE A 144 16.31 -13.11 1.24
N ASN A 145 16.44 -13.18 -0.07
CA ASN A 145 16.70 -11.98 -0.86
C ASN A 145 15.44 -11.31 -1.39
N LEU A 146 15.38 -9.99 -1.30
CA LEU A 146 14.27 -9.24 -1.88
C LEU A 146 14.03 -9.59 -3.32
N ARG A 147 15.10 -9.92 -4.04
CA ARG A 147 14.91 -10.27 -5.42
C ARG A 147 13.98 -11.45 -5.62
N GLU A 148 14.10 -12.44 -4.75
CA GLU A 148 13.24 -13.63 -4.88
C GLU A 148 11.76 -13.23 -4.71
N ILE A 149 11.53 -12.23 -3.82
CA ILE A 149 10.20 -11.79 -3.55
C ILE A 149 9.62 -11.06 -4.71
N GLY A 150 10.40 -10.12 -5.23
CA GLY A 150 9.91 -9.41 -6.40
C GLY A 150 9.67 -10.31 -7.59
N ALA A 151 10.57 -11.27 -7.78
CA ALA A 151 10.38 -12.24 -8.89
C ALA A 151 9.07 -13.03 -8.71
N ALA A 152 8.77 -13.38 -7.45
CA ALA A 152 7.62 -14.26 -7.20
C ALA A 152 6.30 -13.48 -7.44
N ILE A 153 6.27 -12.22 -7.00
CA ILE A 153 5.11 -11.39 -7.19
C ILE A 153 4.79 -11.29 -8.68
N GLN A 154 5.83 -10.94 -9.45
CA GLN A 154 5.69 -10.79 -10.87
C GLN A 154 5.20 -12.07 -11.61
N LYS A 155 5.78 -13.22 -11.22
CA LYS A 155 5.39 -14.47 -11.86
C LYS A 155 3.89 -14.73 -11.62
N PHE A 156 3.44 -14.49 -10.37
CA PHE A 156 2.07 -14.82 -9.99
C PHE A 156 1.08 -13.90 -10.73
N VAL A 157 1.42 -12.58 -10.76
CA VAL A 157 0.52 -11.63 -11.37
C VAL A 157 0.43 -11.90 -12.89
N GLU A 158 1.58 -12.12 -13.51
CA GLU A 158 1.61 -12.30 -14.99
C GLU A 158 0.88 -13.57 -15.42
N ALA A 159 0.90 -14.61 -14.58
CA ALA A 159 0.21 -15.82 -14.95
C ALA A 159 -1.34 -15.61 -15.05
N GLU A 160 -1.84 -14.62 -14.33
CA GLU A 160 -3.26 -14.30 -14.32
C GLU A 160 -3.62 -13.38 -15.53
N GLY A 161 -2.62 -13.05 -16.33
CA GLY A 161 -2.84 -12.10 -17.45
C GLY A 161 -2.85 -10.65 -17.06
N PHE A 162 -2.28 -10.32 -15.90
CA PHE A 162 -2.20 -8.93 -15.43
C PHE A 162 -0.71 -8.53 -15.51
N SER A 163 -0.43 -7.25 -15.20
CA SER A 163 0.93 -6.71 -15.25
C SER A 163 1.29 -5.94 -13.97
N VAL A 164 2.59 -5.86 -13.68
CA VAL A 164 3.13 -5.13 -12.50
C VAL A 164 3.71 -3.79 -12.97
N VAL A 165 3.26 -2.74 -12.34
CA VAL A 165 3.81 -1.39 -12.60
C VAL A 165 5.29 -1.33 -12.13
N ARG A 166 6.16 -0.85 -13.02
CA ARG A 166 7.60 -0.88 -12.74
C ARG A 166 8.08 0.41 -12.05
N GLU A 167 7.32 1.50 -12.20
CA GLU A 167 7.85 2.82 -11.82
C GLU A 167 7.83 3.07 -10.32
N TYR A 168 7.07 2.27 -9.54
CA TYR A 168 6.87 2.52 -8.10
C TYR A 168 7.23 1.24 -7.39
N CYS A 169 7.60 1.37 -6.12
CA CYS A 169 8.04 0.20 -5.39
C CYS A 169 7.79 0.38 -3.93
N GLY A 170 7.85 -0.72 -3.17
CA GLY A 170 7.76 -0.48 -1.72
C GLY A 170 9.14 0.04 -1.23
N HIS A 171 9.28 0.25 0.08
CA HIS A 171 10.40 0.99 0.59
C HIS A 171 10.63 0.69 2.07
N GLY A 172 11.89 0.86 2.48
CA GLY A 172 12.13 1.01 3.92
C GLY A 172 11.31 2.18 4.46
N ILE A 173 11.09 2.12 5.76
CA ILE A 173 10.30 3.09 6.44
C ILE A 173 10.61 3.12 7.89
N GLY A 174 10.46 4.28 8.54
CA GLY A 174 10.55 4.36 10.02
C GLY A 174 10.46 5.83 10.34
N GLN A 175 11.55 6.44 10.83
CA GLN A 175 11.54 7.89 11.02
C GLN A 175 11.40 8.70 9.70
N GLY A 176 11.87 8.10 8.60
CA GLY A 176 11.64 8.69 7.27
C GLY A 176 10.53 7.91 6.59
N PHE A 177 9.75 8.60 5.77
CA PHE A 177 8.66 8.02 5.00
C PHE A 177 9.29 6.95 4.05
N HIS A 178 10.34 7.32 3.33
CA HIS A 178 11.06 6.47 2.39
C HIS A 178 12.51 6.32 2.80
N GLU A 179 12.92 5.07 3.03
CA GLU A 179 14.24 4.70 3.55
C GLU A 179 14.66 3.52 2.69
N GLU A 180 15.95 3.21 2.73
CA GLU A 180 16.42 2.08 2.00
C GLU A 180 15.83 0.84 2.69
N PRO A 181 15.57 -0.22 1.93
CA PRO A 181 15.80 -0.47 0.51
C PRO A 181 14.59 -0.09 -0.32
N GLN A 182 14.81 -0.09 -1.62
CA GLN A 182 13.73 -0.23 -2.61
C GLN A 182 13.25 -1.65 -2.58
N VAL A 183 11.90 -1.80 -2.66
CA VAL A 183 11.25 -3.12 -2.71
C VAL A 183 10.50 -3.28 -4.05
N LEU A 184 11.25 -3.64 -5.10
CA LEU A 184 10.65 -3.88 -6.41
C LEU A 184 9.69 -5.07 -6.39
N HIS A 185 8.57 -4.90 -7.13
CA HIS A 185 7.62 -6.01 -7.17
C HIS A 185 7.79 -6.86 -8.45
N TYR A 186 9.03 -6.93 -8.94
CA TYR A 186 9.29 -7.64 -10.18
C TYR A 186 10.79 -7.99 -10.10
N ASP A 187 11.23 -8.83 -11.00
CA ASP A 187 12.61 -9.35 -10.88
C ASP A 187 13.58 -8.33 -11.50
N SER A 188 14.69 -8.09 -10.79
CA SER A 188 15.76 -7.22 -11.34
C SER A 188 17.08 -7.74 -10.88
N ARG A 189 17.99 -7.79 -11.84
N ARG A 189 18.01 -7.78 -11.82
CA ARG A 189 19.41 -8.10 -11.60
CA ARG A 189 19.42 -8.08 -11.53
C ARG A 189 20.10 -7.07 -10.66
C ARG A 189 20.08 -7.09 -10.59
N GLU A 190 19.48 -5.90 -10.46
CA GLU A 190 19.97 -4.94 -9.50
C GLU A 190 19.60 -5.22 -8.08
N THR A 191 18.64 -6.14 -7.83
CA THR A 191 18.22 -6.28 -6.46
C THR A 191 19.10 -7.30 -5.78
N ASN A 192 19.73 -6.91 -4.69
CA ASN A 192 20.49 -7.90 -3.90
C ASN A 192 20.51 -7.45 -2.45
N VAL A 193 19.40 -7.70 -1.75
CA VAL A 193 19.22 -7.31 -0.35
C VAL A 193 18.76 -8.56 0.39
N VAL A 194 19.65 -9.03 1.24
CA VAL A 194 19.41 -10.17 2.08
C VAL A 194 18.80 -9.64 3.40
N LEU A 195 17.59 -10.07 3.68
CA LEU A 195 16.85 -9.57 4.84
C LEU A 195 17.43 -9.95 6.21
N LYS A 196 17.30 -9.02 7.14
CA LYS A 196 17.76 -9.20 8.51
C LYS A 196 16.70 -8.82 9.55
N PRO A 197 16.67 -9.48 10.74
CA PRO A 197 15.68 -9.06 11.71
C PRO A 197 15.80 -7.57 12.04
N GLY A 198 14.64 -6.93 12.15
CA GLY A 198 14.63 -5.57 12.58
C GLY A 198 14.57 -4.60 11.43
N MET A 199 14.66 -5.07 10.18
CA MET A 199 14.40 -4.24 8.99
C MET A 199 12.87 -4.01 8.95
N THR A 200 12.50 -2.77 8.60
CA THR A 200 11.09 -2.39 8.46
C THR A 200 10.91 -1.83 7.10
N PHE A 201 9.90 -2.34 6.39
CA PHE A 201 9.70 -1.86 5.03
C PHE A 201 8.25 -2.18 4.59
N THR A 202 7.87 -1.65 3.46
CA THR A 202 6.52 -1.90 2.88
C THR A 202 6.60 -2.83 1.66
N ILE A 203 5.45 -3.51 1.43
CA ILE A 203 5.29 -4.27 0.18
C ILE A 203 3.92 -3.75 -0.35
N GLU A 204 3.89 -3.37 -1.62
CA GLU A 204 2.80 -2.55 -2.12
C GLU A 204 2.67 -2.62 -3.65
N PRO A 205 2.42 -3.82 -4.18
CA PRO A 205 2.39 -4.00 -5.63
C PRO A 205 1.21 -3.25 -6.24
N MET A 206 1.49 -2.61 -7.37
CA MET A 206 0.49 -2.01 -8.21
C MET A 206 0.36 -2.86 -9.45
N VAL A 207 -0.87 -3.35 -9.64
CA VAL A 207 -1.17 -4.35 -10.66
C VAL A 207 -2.19 -3.87 -11.65
N ASN A 208 -1.86 -3.96 -12.96
CA ASN A 208 -2.80 -3.46 -13.97
C ASN A 208 -3.54 -4.65 -14.62
N ALA A 209 -4.81 -4.48 -14.98
CA ALA A 209 -5.49 -5.58 -15.65
C ALA A 209 -4.97 -5.67 -17.07
N GLY A 210 -4.51 -4.55 -17.63
CA GLY A 210 -4.04 -4.56 -19.04
C GLY A 210 -2.52 -4.48 -18.99
N LYS A 211 -1.99 -3.56 -19.80
CA LYS A 211 -0.54 -3.44 -19.95
C LYS A 211 0.10 -2.65 -18.85
N LYS A 212 1.41 -2.86 -18.67
CA LYS A 212 2.15 -2.28 -17.50
C LYS A 212 2.34 -0.77 -17.61
N GLU A 213 2.37 -0.21 -18.81
CA GLU A 213 2.72 1.17 -18.91
C GLU A 213 1.73 2.15 -18.27
N ILE A 214 2.28 3.24 -17.76
CA ILE A 214 1.51 4.26 -17.04
C ILE A 214 1.73 5.64 -17.64
N ARG A 215 0.92 6.59 -17.22
CA ARG A 215 1.02 7.95 -17.71
C ARG A 215 0.67 8.91 -16.56
N THR A 216 1.41 9.99 -16.39
CA THR A 216 1.03 10.98 -15.36
C THR A 216 0.23 12.08 -16.01
N MET A 217 -0.83 12.51 -15.34
CA MET A 217 -1.74 13.51 -15.89
C MET A 217 -1.13 14.92 -15.79
N LYS A 218 -1.78 15.90 -16.41
CA LYS A 218 -1.23 17.26 -16.42
C LYS A 218 -1.31 17.97 -15.09
N ASP A 219 -2.03 17.34 -14.15
CA ASP A 219 -2.19 17.91 -12.80
C ASP A 219 -0.94 17.70 -11.98
N GLY A 220 -0.01 16.92 -12.54
CA GLY A 220 1.23 16.69 -11.92
C GLY A 220 1.23 15.60 -10.88
N TRP A 221 0.08 14.97 -10.63
CA TRP A 221 -0.06 14.02 -9.53
C TRP A 221 -0.65 12.69 -10.00
N THR A 222 -1.80 12.77 -10.66
CA THR A 222 -2.61 11.58 -10.93
C THR A 222 -1.92 10.68 -11.93
N VAL A 223 -1.74 9.41 -11.59
CA VAL A 223 -1.10 8.47 -12.51
C VAL A 223 -2.15 7.49 -12.98
N LYS A 224 -2.22 7.27 -14.29
CA LYS A 224 -3.19 6.35 -14.86
C LYS A 224 -2.53 5.29 -15.68
N THR A 225 -3.22 4.18 -15.88
CA THR A 225 -2.78 3.20 -16.91
C THR A 225 -2.80 3.81 -18.31
N LYS A 226 -1.74 3.53 -19.07
CA LYS A 226 -1.65 4.08 -20.45
C LYS A 226 -2.87 3.57 -21.27
N ASP A 227 -3.24 2.30 -21.09
CA ASP A 227 -4.34 1.73 -21.80
C ASP A 227 -5.76 1.90 -21.20
N ARG A 228 -5.83 2.65 -20.11
CA ARG A 228 -7.06 2.86 -19.37
C ARG A 228 -7.68 1.57 -18.81
N SER A 229 -6.85 0.53 -18.66
CA SER A 229 -7.27 -0.60 -17.89
C SER A 229 -7.37 -0.32 -16.38
N LEU A 230 -8.10 -1.19 -15.67
CA LEU A 230 -8.19 -1.04 -14.21
C LEU A 230 -6.79 -1.31 -13.59
N SER A 231 -6.56 -0.68 -12.45
CA SER A 231 -5.34 -0.92 -11.70
C SER A 231 -5.70 -1.00 -10.21
N ALA A 232 -5.01 -1.89 -9.53
CA ALA A 232 -5.31 -2.15 -8.08
C ALA A 232 -3.99 -2.24 -7.29
N GLN A 233 -4.04 -1.94 -5.98
CA GLN A 233 -2.88 -1.93 -5.11
C GLN A 233 -3.35 -2.27 -3.69
N TYR A 234 -2.55 -3.05 -2.97
CA TYR A 234 -2.67 -3.17 -1.50
C TYR A 234 -1.26 -3.00 -0.97
N GLU A 235 -1.15 -2.55 0.30
CA GLU A 235 0.13 -2.28 0.92
C GLU A 235 0.06 -2.63 2.40
N HIS A 236 1.08 -3.33 2.93
CA HIS A 236 1.28 -3.44 4.35
C HIS A 236 2.73 -2.97 4.70
N THR A 237 2.87 -2.47 5.95
CA THR A 237 4.18 -2.20 6.59
C THR A 237 4.52 -3.38 7.48
N ILE A 238 5.74 -3.89 7.32
CA ILE A 238 6.15 -5.05 8.13
C ILE A 238 7.50 -4.82 8.84
N VAL A 239 7.76 -5.65 9.85
CA VAL A 239 9.11 -5.83 10.42
C VAL A 239 9.53 -7.26 10.22
N VAL A 240 10.81 -7.44 9.82
CA VAL A 240 11.44 -8.75 9.73
C VAL A 240 11.73 -9.19 11.16
N THR A 241 11.33 -10.41 11.46
CA THR A 241 11.55 -10.96 12.81
C THR A 241 12.67 -12.05 12.71
N ASP A 242 12.99 -12.68 13.84
CA ASP A 242 14.01 -13.74 13.82
C ASP A 242 13.58 -14.99 13.02
N ASN A 243 12.28 -15.23 12.90
CA ASN A 243 11.78 -16.44 12.24
C ASN A 243 10.76 -16.15 11.12
N GLY A 244 10.65 -14.90 10.73
CA GLY A 244 9.71 -14.55 9.69
C GLY A 244 9.41 -13.06 9.65
N CYS A 245 8.15 -12.67 9.71
CA CYS A 245 7.82 -11.25 9.86
C CYS A 245 6.56 -11.03 10.67
N GLU A 246 6.36 -9.73 11.00
CA GLU A 246 5.19 -9.24 11.67
C GLU A 246 4.61 -8.08 10.86
N ILE A 247 3.30 -8.19 10.58
CA ILE A 247 2.56 -7.20 9.78
C ILE A 247 2.13 -6.18 10.79
N LEU A 248 2.61 -4.98 10.59
CA LEU A 248 2.27 -3.88 11.52
C LEU A 248 1.01 -3.10 11.20
N THR A 249 0.50 -3.23 9.98
CA THR A 249 -0.71 -2.56 9.54
C THR A 249 -1.90 -3.54 9.27
N LEU A 250 -1.92 -4.68 9.95
CA LEU A 250 -3.00 -5.67 9.74
C LEU A 250 -4.38 -5.09 10.16
N ARG A 251 -5.44 -5.41 9.40
CA ARG A 251 -6.81 -5.01 9.72
C ARG A 251 -7.61 -6.26 10.05
N LYS A 252 -8.77 -6.02 10.69
CA LYS A 252 -9.74 -7.09 10.95
C LYS A 252 -10.10 -7.88 9.66
N ASP A 253 -10.16 -7.20 8.52
CA ASP A 253 -10.55 -7.88 7.29
C ASP A 253 -9.44 -8.67 6.59
N ASP A 254 -8.20 -8.48 7.01
CA ASP A 254 -7.10 -9.27 6.46
C ASP A 254 -7.33 -10.70 6.85
N THR A 255 -6.80 -11.53 5.96
CA THR A 255 -6.96 -12.98 6.13
C THR A 255 -5.65 -13.78 6.21
N ILE A 256 -4.65 -13.12 6.68
CA ILE A 256 -3.34 -13.67 6.90
C ILE A 256 -3.03 -13.28 8.33
N PRO A 257 -2.29 -14.13 9.05
CA PRO A 257 -1.96 -13.83 10.49
C PRO A 257 -0.99 -12.64 10.57
N ALA A 258 -1.04 -11.86 11.64
CA ALA A 258 -0.11 -10.78 11.84
C ALA A 258 1.34 -11.25 11.95
N ILE A 259 1.52 -12.37 12.62
CA ILE A 259 2.84 -12.94 12.85
C ILE A 259 2.98 -14.18 12.03
N ILE A 260 4.01 -14.15 11.18
CA ILE A 260 4.27 -15.29 10.29
C ILE A 260 5.58 -15.91 10.71
N SER A 261 5.53 -17.16 11.14
CA SER A 261 6.73 -17.87 11.60
C SER A 261 7.10 -18.98 10.62
N HIS A 262 8.41 -19.16 10.43
CA HIS A 262 8.92 -20.26 9.63
C HIS A 262 9.68 -21.30 10.46
N ASP A 263 10.36 -22.20 9.77
CA ASP A 263 11.35 -23.08 10.45
C ASP A 263 11.45 -24.52 9.86
#